data_2QS6
#
_entry.id   2QS6
#
_cell.length_a   120.836
_cell.length_b   39.540
_cell.length_c   71.753
_cell.angle_alpha   90.00
_cell.angle_beta   95.08
_cell.angle_gamma   90.00
#
_symmetry.space_group_name_H-M   'C 1 2 1'
#
loop_
_entity.id
_entity.type
_entity.pdbx_description
1 polymer "DNA (5'-D(*DAP*DTP*DAP*DTP*DAP*DTP*DCP*DT)-3')"
2 water water
#
_entity_poly.entity_id   1
_entity_poly.type   'polydeoxyribonucleotide'
_entity_poly.pdbx_seq_one_letter_code
;(DA)(DT)(DA)(DT)(DA)(DT)(DC)(DT)
;
_entity_poly.pdbx_strand_id   A,B,C,D,E,F,G,H,I,J,K,L,M,N
#